data_5N68
#
_entry.id   5N68
#
_cell.length_a   66.240
_cell.length_b   74.980
_cell.length_c   78.860
_cell.angle_alpha   90.00
_cell.angle_beta   90.00
_cell.angle_gamma   90.00
#
_symmetry.space_group_name_H-M   'P 21 21 21'
#
loop_
_entity.id
_entity.type
_entity.pdbx_description
1 polymer 'Mitogen-activated protein kinase 14'
2 non-polymer 2-(4-morpholin-4-ylphenyl)-~{N}4-(2-phenylethyl)quinazoline-4,7-diamine
3 water water
#
_entity_poly.entity_id   1
_entity_poly.type   'polypeptide(L)'
_entity_poly.pdbx_seq_one_letter_code
;MSQERPTFYRQELNKTIWEVPERYQNLSPVGSGAYGSVCAAFDTKTGLRVAVKKLSRPFQSIIHAKRTYRELRLLKHMKH
ENVIGLLDVFTPARSLEEFNDVYLVTHLMGADLNNIVKCQKLTDDHVQFLIYQILRGLKYIHSADIIHRDLKPSNLAVNE
DCELKILDFGLARHTDDEMTGYVATRWYRAPEIMLNWMHYNQTVDIWSVGCIMAELLTGRTLFPGTDHIDQLKLILRLVG
TPGAELLKKISSESARNYIQSLTQMPKMNFANVFIGANPLAVDLLEKMLVLDSDKRITAAQALAHAYFAQYHDPDDEPVA
DPYDQSFESRDLLIDEWKSLTYDEVISFVPPPLDQEEMES
;
_entity_poly.pdbx_strand_id   A
#
loop_
_chem_comp.id
_chem_comp.type
_chem_comp.name
_chem_comp.formula
8OK non-polymer 2-(4-morpholin-4-ylphenyl)-~{N}4-(2-phenylethyl)quinazoline-4,7-diamine 'C26 H27 N5 O'
#
# COMPACT_ATOMS: atom_id res chain seq x y z
N GLU A 4 6.17 -34.62 -4.43
CA GLU A 4 6.84 -33.45 -3.87
C GLU A 4 5.94 -32.74 -2.86
N ARG A 5 4.71 -33.22 -2.73
CA ARG A 5 3.78 -32.60 -1.79
C ARG A 5 4.28 -32.77 -0.37
N PRO A 6 4.38 -31.69 0.41
CA PRO A 6 4.83 -31.81 1.80
C PRO A 6 3.77 -32.46 2.66
N THR A 7 4.15 -32.81 3.88
CA THR A 7 3.21 -33.36 4.84
C THR A 7 2.64 -32.21 5.67
N PHE A 8 1.31 -32.16 5.74
CA PHE A 8 0.60 -31.12 6.47
C PHE A 8 0.29 -31.58 7.89
N TYR A 9 0.05 -30.62 8.77
CA TYR A 9 -0.44 -30.90 10.11
C TYR A 9 -1.48 -29.84 10.48
N ARG A 10 -2.42 -30.24 11.33
CA ARG A 10 -3.60 -29.43 11.60
C ARG A 10 -3.63 -28.99 13.05
N GLN A 11 -4.36 -27.91 13.30
CA GLN A 11 -4.53 -27.38 14.64
C GLN A 11 -5.59 -26.27 14.56
N GLU A 12 -6.20 -26.00 15.70
CA GLU A 12 -7.23 -24.97 15.80
C GLU A 12 -6.67 -23.74 16.50
N LEU A 13 -6.98 -22.55 15.96
CA LEU A 13 -6.50 -21.29 16.50
C LEU A 13 -7.60 -20.26 16.40
N ASN A 14 -8.21 -19.92 17.54
CA ASN A 14 -9.26 -18.90 17.59
C ASN A 14 -10.49 -19.35 16.81
N LYS A 15 -10.92 -20.59 17.07
CA LYS A 15 -12.09 -21.15 16.39
C LYS A 15 -11.87 -21.23 14.89
N THR A 16 -10.63 -21.52 14.49
CA THR A 16 -10.27 -21.61 13.07
C THR A 16 -9.21 -22.69 12.92
N ILE A 17 -9.51 -23.72 12.13
CA ILE A 17 -8.55 -24.79 11.88
C ILE A 17 -7.51 -24.32 10.88
N TRP A 18 -6.24 -24.67 11.12
CA TRP A 18 -5.13 -24.30 10.24
C TRP A 18 -4.43 -25.58 9.79
N GLU A 19 -4.31 -25.76 8.49
CA GLU A 19 -3.73 -26.94 7.87
C GLU A 19 -2.54 -26.49 7.06
N VAL A 20 -1.32 -26.73 7.55
CA VAL A 20 -0.13 -26.13 6.94
C VAL A 20 0.98 -27.15 6.89
N PRO A 21 1.92 -26.96 5.95
CA PRO A 21 3.08 -27.88 5.88
C PRO A 21 3.87 -27.86 7.18
N GLU A 22 4.34 -29.03 7.58
CA GLU A 22 5.17 -29.16 8.77
C GLU A 22 6.34 -28.20 8.76
N ARG A 23 6.75 -27.77 7.56
CA ARG A 23 7.79 -26.75 7.43
C ARG A 23 7.57 -25.60 8.38
N TYR A 24 6.32 -25.15 8.53
CA TYR A 24 6.01 -23.99 9.35
C TYR A 24 5.62 -24.46 10.74
N GLN A 25 6.24 -23.87 11.76
CA GLN A 25 6.10 -24.33 13.13
C GLN A 25 5.75 -23.18 14.06
N ASN A 26 5.16 -23.54 15.21
CA ASN A 26 4.85 -22.60 16.29
C ASN A 26 3.97 -21.44 15.83
N LEU A 27 2.87 -21.78 15.18
CA LEU A 27 1.94 -20.77 14.69
C LEU A 27 1.35 -19.97 15.84
N SER A 28 1.57 -18.66 15.82
CA SER A 28 1.07 -17.78 16.88
C SER A 28 0.13 -16.75 16.26
N PRO A 29 -1.14 -16.71 16.66
CA PRO A 29 -2.06 -15.74 16.06
C PRO A 29 -1.58 -14.32 16.27
N VAL A 30 -1.71 -13.51 15.21
CA VAL A 30 -1.37 -12.09 15.23
C VAL A 30 -2.59 -11.22 14.96
N GLY A 31 -3.78 -11.81 14.91
CA GLY A 31 -5.00 -11.07 14.69
C GLY A 31 -5.54 -11.24 13.28
N SER A 32 -6.65 -10.55 13.04
CA SER A 32 -7.33 -10.61 11.74
C SER A 32 -7.41 -9.23 11.10
N TYR A 35 -10.93 -10.43 6.04
CA TYR A 35 -10.14 -10.73 4.85
C TYR A 35 -9.24 -11.95 5.04
N GLY A 36 -8.59 -12.00 6.20
CA GLY A 36 -7.73 -13.12 6.50
C GLY A 36 -7.29 -13.16 7.94
N SER A 37 -7.10 -14.36 8.45
CA SER A 37 -6.46 -14.58 9.73
C SER A 37 -4.96 -14.70 9.48
N VAL A 38 -4.15 -14.14 10.38
CA VAL A 38 -2.70 -14.16 10.24
C VAL A 38 -2.10 -14.82 11.47
N CYS A 39 -1.14 -15.71 11.25
CA CYS A 39 -0.34 -16.31 12.31
C CYS A 39 1.13 -16.02 12.06
N ALA A 40 1.85 -15.71 13.14
CA ALA A 40 3.30 -15.70 13.09
C ALA A 40 3.80 -17.14 13.19
N ALA A 41 4.85 -17.45 12.45
CA ALA A 41 5.36 -18.82 12.43
C ALA A 41 6.86 -18.80 12.22
N PHE A 42 7.46 -19.98 12.41
CA PHE A 42 8.88 -20.20 12.20
C PHE A 42 9.06 -21.11 10.99
N ASP A 43 9.73 -20.58 9.95
CA ASP A 43 10.01 -21.36 8.75
C ASP A 43 11.25 -22.20 8.98
N THR A 44 11.06 -23.50 9.22
CA THR A 44 12.22 -24.36 9.48
C THR A 44 13.12 -24.52 8.26
N LYS A 45 12.59 -24.27 7.06
CA LYS A 45 13.39 -24.48 5.86
C LYS A 45 14.46 -23.39 5.74
N THR A 46 14.12 -22.17 6.15
CA THR A 46 14.97 -21.01 5.99
C THR A 46 15.44 -20.42 7.31
N GLY A 47 14.98 -20.94 8.45
CA GLY A 47 15.29 -20.36 9.75
C GLY A 47 14.72 -18.98 10.02
N LEU A 48 13.85 -18.46 9.16
CA LEU A 48 13.29 -17.12 9.30
C LEU A 48 11.88 -17.17 9.87
N ARG A 49 11.50 -16.05 10.49
CA ARG A 49 10.15 -15.88 11.00
C ARG A 49 9.27 -15.37 9.86
N VAL A 50 8.11 -15.99 9.69
CA VAL A 50 7.20 -15.64 8.60
C VAL A 50 5.83 -15.30 9.16
N ALA A 51 5.03 -14.67 8.30
CA ALA A 51 3.60 -14.48 8.55
C ALA A 51 2.82 -15.39 7.61
N VAL A 52 1.90 -16.17 8.17
CA VAL A 52 1.03 -17.05 7.41
C VAL A 52 -0.39 -16.52 7.49
N LYS A 53 -0.95 -16.14 6.34
CA LYS A 53 -2.30 -15.59 6.26
C LYS A 53 -3.22 -16.62 5.61
N LYS A 54 -4.30 -16.96 6.31
CA LYS A 54 -5.34 -17.84 5.79
C LYS A 54 -6.48 -16.95 5.30
N LEU A 55 -6.71 -16.93 4.00
CA LEU A 55 -7.78 -16.10 3.48
C LEU A 55 -9.11 -16.63 4.02
N SER A 56 -10.02 -15.71 4.33
CA SER A 56 -11.35 -16.06 4.80
C SER A 56 -12.31 -16.09 3.62
N ARG A 57 -13.02 -17.19 3.46
CA ARG A 57 -14.04 -17.36 2.43
C ARG A 57 -13.52 -16.83 1.09
N PRO A 58 -12.36 -17.33 0.63
CA PRO A 58 -11.75 -16.76 -0.58
C PRO A 58 -12.59 -16.87 -1.81
N PHE A 59 -13.50 -17.85 -1.87
CA PHE A 59 -14.29 -18.11 -3.07
C PHE A 59 -15.78 -18.06 -2.76
N GLN A 60 -16.16 -17.16 -1.85
CA GLN A 60 -17.53 -17.13 -1.37
C GLN A 60 -18.48 -16.60 -2.44
N SER A 61 -18.01 -15.63 -3.23
CA SER A 61 -18.76 -14.94 -4.26
C SER A 61 -17.81 -14.63 -5.41
N ILE A 62 -18.37 -14.19 -6.54
CA ILE A 62 -17.53 -13.74 -7.64
C ILE A 62 -16.59 -12.64 -7.18
N ILE A 63 -17.11 -11.70 -6.39
CA ILE A 63 -16.29 -10.57 -5.97
C ILE A 63 -15.12 -11.04 -5.09
N HIS A 64 -15.39 -11.96 -4.16
CA HIS A 64 -14.32 -12.52 -3.34
C HIS A 64 -13.32 -13.30 -4.17
N ALA A 65 -13.82 -14.15 -5.08
CA ALA A 65 -12.95 -14.98 -5.89
C ALA A 65 -12.03 -14.12 -6.73
N LYS A 66 -12.56 -13.06 -7.32
CA LYS A 66 -11.70 -12.18 -8.12
C LYS A 66 -10.70 -11.44 -7.25
N ARG A 67 -11.12 -11.05 -6.04
CA ARG A 67 -10.22 -10.40 -5.10
C ARG A 67 -9.10 -11.32 -4.63
N THR A 68 -9.42 -12.58 -4.39
CA THR A 68 -8.41 -13.57 -4.03
C THR A 68 -7.38 -13.72 -5.14
N TYR A 69 -7.86 -13.86 -6.37
CA TYR A 69 -6.97 -13.97 -7.51
C TYR A 69 -6.09 -12.73 -7.66
N ARG A 70 -6.70 -11.57 -7.50
CA ARG A 70 -6.00 -10.29 -7.62
C ARG A 70 -4.89 -10.19 -6.59
N GLU A 71 -5.20 -10.52 -5.33
CA GLU A 71 -4.17 -10.47 -4.29
C GLU A 71 -3.03 -11.43 -4.57
N LEU A 72 -3.33 -12.67 -4.97
CA LEU A 72 -2.26 -13.61 -5.30
C LEU A 72 -1.41 -13.12 -6.48
N ARG A 73 -2.05 -12.66 -7.56
CA ARG A 73 -1.30 -12.18 -8.71
C ARG A 73 -0.35 -11.03 -8.34
N LEU A 74 -0.84 -10.08 -7.54
CA LEU A 74 0.00 -8.95 -7.12
C LEU A 74 1.16 -9.40 -6.27
N LEU A 75 0.88 -10.22 -5.26
CA LEU A 75 1.96 -10.68 -4.39
C LEU A 75 2.98 -11.51 -5.17
N LYS A 76 2.52 -12.34 -6.13
CA LYS A 76 3.49 -13.11 -6.93
C LYS A 76 4.36 -12.23 -7.79
N HIS A 77 3.89 -11.02 -8.09
CA HIS A 77 4.66 -10.14 -8.97
C HIS A 77 5.73 -9.35 -8.22
N MET A 78 5.51 -9.03 -6.94
CA MET A 78 6.34 -8.04 -6.26
C MET A 78 7.67 -8.65 -5.85
N LYS A 79 8.77 -8.10 -6.37
CA LYS A 79 10.10 -8.60 -6.04
C LYS A 79 10.97 -7.37 -5.85
N HIS A 80 10.93 -6.81 -4.66
CA HIS A 80 11.61 -5.55 -4.38
C HIS A 80 11.81 -5.45 -2.87
N GLU A 81 12.95 -4.88 -2.47
CA GLU A 81 13.32 -4.89 -1.06
C GLU A 81 12.32 -4.13 -0.19
N ASN A 82 11.59 -3.17 -0.77
CA ASN A 82 10.69 -2.32 0.00
C ASN A 82 9.23 -2.63 -0.27
N VAL A 83 8.96 -3.81 -0.80
CA VAL A 83 7.59 -4.25 -1.05
C VAL A 83 7.44 -5.67 -0.54
N ILE A 84 6.35 -5.93 0.17
CA ILE A 84 6.12 -7.27 0.67
C ILE A 84 6.05 -8.24 -0.50
N GLY A 85 6.79 -9.34 -0.39
CA GLY A 85 6.81 -10.36 -1.42
C GLY A 85 6.24 -11.67 -0.91
N LEU A 86 5.98 -12.57 -1.84
CA LEU A 86 5.39 -13.86 -1.50
C LEU A 86 6.52 -14.87 -1.31
N LEU A 87 6.66 -15.38 -0.09
CA LEU A 87 7.61 -16.43 0.19
C LEU A 87 7.07 -17.81 -0.16
N ASP A 88 5.75 -18.02 -0.02
CA ASP A 88 5.15 -19.31 -0.29
C ASP A 88 3.65 -19.08 -0.40
N VAL A 89 2.98 -19.97 -1.11
CA VAL A 89 1.52 -20.00 -1.14
C VAL A 89 1.14 -21.46 -1.24
N PHE A 90 0.12 -21.86 -0.49
CA PHE A 90 -0.19 -23.28 -0.44
C PHE A 90 -1.66 -23.48 -0.10
N THR A 91 -2.15 -24.67 -0.43
CA THR A 91 -3.46 -25.12 -0.03
C THR A 91 -3.29 -26.59 0.33
N PRO A 92 -4.01 -27.08 1.34
CA PRO A 92 -3.99 -28.52 1.61
C PRO A 92 -4.66 -29.34 0.53
N ALA A 93 -5.34 -28.70 -0.42
CA ALA A 93 -6.09 -29.44 -1.43
C ALA A 93 -5.14 -30.13 -2.39
N ARG A 94 -5.52 -31.34 -2.83
CA ARG A 94 -4.74 -32.09 -3.79
C ARG A 94 -5.25 -31.93 -5.21
N SER A 95 -6.41 -31.29 -5.40
CA SER A 95 -7.01 -31.14 -6.72
C SER A 95 -7.85 -29.87 -6.75
N LEU A 96 -8.15 -29.41 -7.97
CA LEU A 96 -9.04 -28.27 -8.11
C LEU A 96 -10.39 -28.53 -7.45
N GLU A 97 -10.87 -29.79 -7.50
CA GLU A 97 -12.21 -30.09 -7.03
C GLU A 97 -12.36 -29.79 -5.54
N GLU A 98 -11.33 -30.08 -4.76
CA GLU A 98 -11.36 -29.87 -3.32
C GLU A 98 -10.67 -28.58 -2.90
N PHE A 99 -10.32 -27.71 -3.85
CA PHE A 99 -9.62 -26.47 -3.57
C PHE A 99 -10.57 -25.47 -2.90
N ASN A 100 -10.37 -25.21 -1.62
CA ASN A 100 -11.23 -24.27 -0.90
C ASN A 100 -10.47 -23.25 -0.05
N ASP A 101 -9.21 -23.49 0.29
CA ASP A 101 -8.47 -22.63 1.20
C ASP A 101 -7.16 -22.21 0.56
N VAL A 102 -6.75 -20.97 0.86
CA VAL A 102 -5.51 -20.38 0.33
C VAL A 102 -4.74 -19.82 1.51
N TYR A 103 -3.46 -20.16 1.61
CA TYR A 103 -2.59 -19.59 2.64
C TYR A 103 -1.44 -18.87 1.96
N LEU A 104 -1.17 -17.65 2.41
CA LEU A 104 -0.08 -16.85 1.85
C LEU A 104 0.99 -16.67 2.92
N VAL A 105 2.26 -16.87 2.54
CA VAL A 105 3.37 -16.80 3.47
C VAL A 105 4.25 -15.63 3.05
N THR A 106 4.52 -14.73 3.99
CA THR A 106 5.33 -13.53 3.74
C THR A 106 6.31 -13.36 4.89
N HIS A 107 7.26 -12.44 4.72
CA HIS A 107 8.18 -12.11 5.79
C HIS A 107 7.43 -11.50 6.96
N LEU A 108 7.76 -11.95 8.17
CA LEU A 108 7.17 -11.36 9.37
C LEU A 108 7.89 -10.04 9.67
N MET A 109 7.17 -8.93 9.58
CA MET A 109 7.77 -7.65 9.91
C MET A 109 7.55 -7.31 11.38
N GLY A 110 8.44 -6.48 11.94
CA GLY A 110 8.43 -6.24 13.37
C GLY A 110 7.19 -5.52 13.84
N ALA A 111 6.86 -4.39 13.20
CA ALA A 111 5.73 -3.56 13.58
C ALA A 111 5.34 -2.74 12.35
N ASP A 112 4.41 -1.83 12.53
CA ASP A 112 4.03 -0.91 11.46
C ASP A 112 4.33 0.51 11.91
N LEU A 113 4.22 1.43 10.95
CA LEU A 113 4.49 2.84 11.22
C LEU A 113 3.46 3.44 12.16
N ASN A 114 2.25 2.90 12.17
CA ASN A 114 1.21 3.43 13.04
C ASN A 114 1.60 3.26 14.51
N ASN A 115 2.31 2.18 14.85
CA ASN A 115 2.77 1.94 16.20
C ASN A 115 4.14 2.55 16.49
N ILE A 116 5.02 2.58 15.50
CA ILE A 116 6.34 3.19 15.65
C ILE A 116 6.21 4.63 16.12
N LYS A 121 6.64 11.28 17.40
CA LYS A 121 7.47 12.12 16.54
C LYS A 121 8.86 11.51 16.36
N LEU A 122 9.27 11.33 15.10
CA LEU A 122 10.56 10.75 14.76
C LEU A 122 11.57 11.84 14.42
N THR A 123 12.85 11.49 14.58
CA THR A 123 13.92 12.41 14.17
C THR A 123 13.91 12.60 12.66
N ASP A 124 14.46 13.73 12.21
CA ASP A 124 14.48 13.99 10.77
C ASP A 124 15.29 12.92 10.02
N ASP A 125 16.39 12.47 10.62
CA ASP A 125 17.16 11.42 9.96
C ASP A 125 16.35 10.15 9.81
N HIS A 126 15.54 9.81 10.82
CA HIS A 126 14.67 8.65 10.69
C HIS A 126 13.63 8.87 9.61
N VAL A 127 13.00 10.05 9.60
CA VAL A 127 11.99 10.32 8.58
C VAL A 127 12.61 10.24 7.20
N GLN A 128 13.80 10.78 7.02
CA GLN A 128 14.47 10.71 5.71
C GLN A 128 14.54 9.27 5.23
N PHE A 129 15.02 8.36 6.08
CA PHE A 129 15.25 6.99 5.64
C PHE A 129 13.94 6.23 5.42
N LEU A 130 12.94 6.47 6.28
CA LEU A 130 11.65 5.83 6.08
C LEU A 130 10.97 6.31 4.81
N ILE A 131 10.92 7.63 4.60
CA ILE A 131 10.20 8.06 3.39
C ILE A 131 11.00 7.64 2.15
N TYR A 132 12.33 7.65 2.24
CA TYR A 132 13.12 7.22 1.09
C TYR A 132 12.70 5.83 0.66
N GLN A 133 12.57 4.91 1.63
CA GLN A 133 12.21 3.53 1.32
C GLN A 133 10.80 3.42 0.78
N ILE A 134 9.86 4.18 1.32
CA ILE A 134 8.52 4.15 0.74
C ILE A 134 8.59 4.55 -0.74
N LEU A 135 9.30 5.65 -1.02
CA LEU A 135 9.33 6.15 -2.39
C LEU A 135 10.05 5.19 -3.32
N ARG A 136 11.07 4.49 -2.82
CA ARG A 136 11.75 3.51 -3.64
C ARG A 136 10.81 2.34 -3.96
N GLY A 137 10.07 1.86 -2.96
CA GLY A 137 9.04 0.87 -3.23
C GLY A 137 7.96 1.37 -4.18
N LEU A 138 7.52 2.63 -4.03
CA LEU A 138 6.49 3.17 -4.92
C LEU A 138 7.02 3.35 -6.34
N LYS A 139 8.27 3.74 -6.51
CA LYS A 139 8.78 3.84 -7.87
C LYS A 139 8.61 2.52 -8.58
N TYR A 140 8.93 1.43 -7.87
CA TYR A 140 8.83 0.08 -8.43
C TYR A 140 7.39 -0.29 -8.70
N ILE A 141 6.52 -0.16 -7.70
CA ILE A 141 5.10 -0.49 -7.90
C ILE A 141 4.54 0.30 -9.08
N HIS A 142 4.78 1.61 -9.08
CA HIS A 142 4.22 2.45 -10.12
C HIS A 142 4.74 2.09 -11.50
N SER A 143 6.01 1.68 -11.58
CA SER A 143 6.60 1.35 -12.88
C SER A 143 5.94 0.15 -13.52
N ALA A 144 5.23 -0.67 -12.73
CA ALA A 144 4.42 -1.77 -13.20
C ALA A 144 2.98 -1.35 -13.54
N ASP A 145 2.68 -0.07 -13.48
CA ASP A 145 1.31 0.42 -13.70
C ASP A 145 0.37 -0.08 -12.62
N ILE A 146 0.88 -0.16 -11.40
CA ILE A 146 0.07 -0.50 -10.24
C ILE A 146 0.01 0.73 -9.35
N ILE A 147 -1.16 1.00 -8.80
CA ILE A 147 -1.37 2.07 -7.84
C ILE A 147 -1.76 1.41 -6.53
N HIS A 148 -1.13 1.84 -5.44
CA HIS A 148 -1.46 1.23 -4.16
C HIS A 148 -2.86 1.64 -3.73
N ARG A 149 -3.14 2.95 -3.78
CA ARG A 149 -4.46 3.47 -3.51
C ARG A 149 -4.84 3.61 -2.05
N ASP A 150 -4.16 2.92 -1.13
CA ASP A 150 -4.55 3.02 0.27
C ASP A 150 -3.35 3.05 1.18
N LEU A 151 -2.32 3.81 0.80
CA LEU A 151 -1.14 3.90 1.63
C LEU A 151 -1.49 4.65 2.90
N LYS A 152 -1.02 4.14 4.03
CA LYS A 152 -1.25 4.73 5.33
C LYS A 152 -0.31 4.05 6.32
N PRO A 153 -0.10 4.65 7.48
CA PRO A 153 0.91 4.09 8.39
C PRO A 153 0.71 2.61 8.66
N SER A 154 -0.52 2.12 8.74
CA SER A 154 -0.69 0.72 9.09
C SER A 154 -0.38 -0.23 7.92
N ASN A 155 -0.23 0.28 6.71
CA ASN A 155 0.21 -0.51 5.55
C ASN A 155 1.72 -0.44 5.32
N LEU A 156 2.46 0.01 6.30
CA LEU A 156 3.91 0.20 6.20
C LEU A 156 4.55 -0.56 7.34
N ALA A 157 5.26 -1.65 7.02
CA ALA A 157 5.90 -2.48 8.02
C ALA A 157 7.34 -2.06 8.18
N VAL A 158 7.80 -2.02 9.43
CA VAL A 158 9.16 -1.61 9.73
C VAL A 158 9.75 -2.58 10.73
N ASN A 159 10.98 -3.03 10.49
CA ASN A 159 11.66 -3.85 11.47
C ASN A 159 12.55 -2.95 12.36
N GLU A 160 13.19 -3.58 13.36
CA GLU A 160 13.98 -2.80 14.31
C GLU A 160 15.16 -2.09 13.66
N ASP A 161 15.69 -2.63 12.55
CA ASP A 161 16.72 -1.95 11.76
C ASP A 161 16.19 -0.77 10.95
N CYS A 162 14.92 -0.41 11.09
CA CYS A 162 14.24 0.63 10.30
C CYS A 162 14.09 0.24 8.84
N GLU A 163 14.25 -1.03 8.50
CA GLU A 163 13.94 -1.45 7.14
C GLU A 163 12.43 -1.51 6.95
N LEU A 164 11.96 -1.03 5.81
CA LEU A 164 10.54 -0.78 5.60
C LEU A 164 10.05 -1.56 4.39
N LYS A 165 8.84 -2.11 4.49
CA LYS A 165 8.18 -2.71 3.34
C LYS A 165 6.75 -2.24 3.26
N ILE A 166 6.31 -1.95 2.05
CA ILE A 166 4.93 -1.61 1.78
C ILE A 166 4.12 -2.91 1.72
N LEU A 167 2.97 -2.94 2.40
CA LEU A 167 2.12 -4.07 2.12
C LEU A 167 0.67 -3.65 1.87
N ASP A 168 -0.20 -4.66 1.82
CA ASP A 168 -1.65 -4.49 1.83
C ASP A 168 -2.09 -3.44 0.83
N PHE A 169 -1.82 -3.73 -0.44
CA PHE A 169 -2.25 -2.86 -1.50
C PHE A 169 -3.77 -2.70 -1.43
N GLY A 170 -4.27 -1.65 -2.10
CA GLY A 170 -5.70 -1.43 -2.24
C GLY A 170 -6.31 -2.37 -3.27
N THR A 185 -7.92 6.30 7.55
CA THR A 185 -7.77 5.83 6.17
C THR A 185 -8.11 6.94 5.17
N ARG A 186 -9.32 7.53 5.30
CA ARG A 186 -9.61 8.75 4.56
C ARG A 186 -8.61 9.86 4.87
N TRP A 187 -7.91 9.76 6.02
CA TRP A 187 -6.96 10.81 6.40
C TRP A 187 -5.80 10.93 5.43
N TYR A 188 -5.50 9.89 4.67
CA TYR A 188 -4.35 9.83 3.77
C TYR A 188 -4.76 9.83 2.30
N ARG A 189 -6.03 10.00 2.00
CA ARG A 189 -6.50 9.85 0.63
C ARG A 189 -6.41 11.16 -0.16
N ALA A 190 -5.94 11.03 -1.40
CA ALA A 190 -5.79 12.18 -2.28
C ALA A 190 -7.13 12.90 -2.49
N PRO A 191 -7.12 14.23 -2.56
CA PRO A 191 -8.39 14.95 -2.72
C PRO A 191 -9.15 14.53 -3.97
N GLU A 192 -8.45 14.21 -5.08
CA GLU A 192 -9.21 13.88 -6.29
C GLU A 192 -9.96 12.56 -6.14
N ILE A 193 -9.45 11.64 -5.33
CA ILE A 193 -10.25 10.46 -4.99
C ILE A 193 -11.41 10.84 -4.08
N MET A 194 -11.16 11.70 -3.09
CA MET A 194 -12.25 12.19 -2.23
C MET A 194 -13.38 12.79 -3.06
N LEU A 195 -13.04 13.52 -4.12
CA LEU A 195 -14.02 14.15 -4.99
C LEU A 195 -14.46 13.25 -6.14
N ASN A 196 -14.01 11.99 -6.19
CA ASN A 196 -14.59 10.97 -7.07
C ASN A 196 -14.17 11.13 -8.53
N TRP A 197 -12.93 11.54 -8.78
CA TRP A 197 -12.45 11.62 -10.15
C TRP A 197 -12.15 10.22 -10.66
N MET A 198 -12.55 9.95 -11.90
CA MET A 198 -12.32 8.61 -12.43
C MET A 198 -10.92 8.43 -13.04
N HIS A 199 -10.23 9.51 -13.37
CA HIS A 199 -9.00 9.41 -14.16
C HIS A 199 -7.77 9.80 -13.35
N TYR A 200 -7.79 9.52 -12.06
CA TYR A 200 -6.62 9.86 -11.24
C TYR A 200 -5.40 9.04 -11.68
N ASN A 201 -4.21 9.50 -11.28
CA ASN A 201 -3.01 8.82 -11.72
C ASN A 201 -2.28 8.23 -10.50
N GLN A 202 -1.05 7.76 -10.75
CA GLN A 202 -0.29 7.14 -9.68
C GLN A 202 0.04 8.12 -8.54
N THR A 203 0.07 9.42 -8.81
CA THR A 203 0.49 10.29 -7.69
C THR A 203 -0.57 10.42 -6.61
N VAL A 204 -1.75 9.77 -6.71
CA VAL A 204 -2.57 9.66 -5.49
C VAL A 204 -1.76 9.04 -4.37
N ASP A 205 -0.86 8.12 -4.70
CA ASP A 205 -0.04 7.54 -3.64
C ASP A 205 0.97 8.55 -3.08
N ILE A 206 1.46 9.47 -3.91
CA ILE A 206 2.40 10.48 -3.43
C ILE A 206 1.73 11.45 -2.46
N TRP A 207 0.44 11.77 -2.70
CA TRP A 207 -0.31 12.54 -1.73
C TRP A 207 -0.29 11.83 -0.38
N SER A 208 -0.53 10.54 -0.39
CA SER A 208 -0.52 9.77 0.85
C SER A 208 0.84 9.84 1.51
N VAL A 209 1.90 9.72 0.74
CA VAL A 209 3.23 9.76 1.35
C VAL A 209 3.45 11.09 2.01
N GLY A 210 2.99 12.15 1.35
CA GLY A 210 3.11 13.48 1.94
C GLY A 210 2.39 13.58 3.27
N CYS A 211 1.17 13.03 3.36
CA CYS A 211 0.44 13.00 4.64
C CYS A 211 1.21 12.20 5.69
N ILE A 212 1.79 11.06 5.29
CA ILE A 212 2.52 10.23 6.23
C ILE A 212 3.77 10.95 6.71
N MET A 213 4.52 11.52 5.78
CA MET A 213 5.76 12.19 6.16
C MET A 213 5.48 13.36 7.08
N ALA A 214 4.43 14.11 6.78
CA ALA A 214 4.07 15.22 7.66
C ALA A 214 3.81 14.72 9.07
N GLU A 215 3.03 13.65 9.19
CA GLU A 215 2.71 13.07 10.50
C GLU A 215 3.97 12.57 11.22
N LEU A 216 4.91 11.96 10.50
CA LEU A 216 6.13 11.53 11.18
C LEU A 216 6.93 12.71 11.73
N LEU A 217 6.90 13.84 11.03
CA LEU A 217 7.71 14.98 11.46
C LEU A 217 7.08 15.73 12.62
N THR A 218 5.75 15.82 12.64
CA THR A 218 5.05 16.62 13.64
C THR A 218 4.49 15.81 14.80
N GLY A 219 4.34 14.51 14.64
CA GLY A 219 3.61 13.73 15.62
C GLY A 219 2.10 13.81 15.56
N ARG A 220 1.52 14.50 14.57
CA ARG A 220 0.09 14.79 14.53
C ARG A 220 -0.45 14.44 13.16
N THR A 221 -1.63 13.83 13.10
CA THR A 221 -2.24 13.57 11.80
C THR A 221 -2.36 14.90 11.07
N LEU A 222 -2.01 14.93 9.78
CA LEU A 222 -2.05 16.22 9.08
C LEU A 222 -3.49 16.66 8.84
N PHE A 223 -4.33 15.76 8.35
CA PHE A 223 -5.71 16.06 7.97
C PHE A 223 -6.66 15.06 8.65
N PRO A 224 -6.88 15.20 9.95
CA PRO A 224 -7.72 14.20 10.64
C PRO A 224 -9.21 14.52 10.50
N GLY A 225 -9.72 14.41 9.28
CA GLY A 225 -11.10 14.75 9.04
C GLY A 225 -12.05 13.79 9.74
N THR A 226 -13.20 14.32 10.14
CA THR A 226 -14.25 13.50 10.77
C THR A 226 -15.21 12.89 9.77
N ASP A 227 -15.25 13.40 8.54
CA ASP A 227 -16.02 12.81 7.45
C ASP A 227 -15.41 13.33 6.15
N HIS A 228 -16.04 12.97 5.02
CA HIS A 228 -15.47 13.32 3.72
C HIS A 228 -15.52 14.83 3.46
N ILE A 229 -16.54 15.53 3.95
CA ILE A 229 -16.64 16.97 3.75
C ILE A 229 -15.64 17.71 4.63
N ASP A 230 -15.59 17.33 5.90
CA ASP A 230 -14.60 17.90 6.79
C ASP A 230 -13.19 17.61 6.28
N GLN A 231 -12.99 16.43 5.68
CA GLN A 231 -11.67 16.06 5.18
C GLN A 231 -11.21 17.03 4.10
N LEU A 232 -12.09 17.35 3.14
CA LEU A 232 -11.72 18.30 2.10
C LEU A 232 -11.49 19.69 2.68
N LYS A 233 -12.33 20.10 3.63
CA LYS A 233 -12.15 21.42 4.20
C LYS A 233 -10.78 21.55 4.86
N LEU A 234 -10.33 20.49 5.53
CA LEU A 234 -9.01 20.56 6.18
C LEU A 234 -7.91 20.60 5.14
N ILE A 235 -8.04 19.81 4.08
CA ILE A 235 -7.01 19.83 3.03
C ILE A 235 -6.93 21.21 2.40
N LEU A 236 -8.09 21.80 2.07
CA LEU A 236 -8.11 23.09 1.39
C LEU A 236 -7.57 24.20 2.29
N ARG A 237 -7.71 24.06 3.60
CA ARG A 237 -7.16 25.07 4.49
C ARG A 237 -5.65 25.17 4.35
N LEU A 238 -4.99 24.05 4.08
CA LEU A 238 -3.53 24.04 3.92
C LEU A 238 -3.11 24.42 2.50
N VAL A 239 -3.63 23.69 1.50
CA VAL A 239 -3.13 23.82 0.14
C VAL A 239 -3.86 24.88 -0.67
N GLY A 240 -4.92 25.49 -0.13
CA GLY A 240 -5.64 26.55 -0.80
C GLY A 240 -6.65 26.03 -1.82
N THR A 241 -7.63 26.89 -2.13
CA THR A 241 -8.67 26.52 -3.08
C THR A 241 -8.10 26.44 -4.50
N PRO A 242 -8.68 25.58 -5.35
CA PRO A 242 -8.09 25.35 -6.68
C PRO A 242 -7.92 26.64 -7.48
N GLY A 243 -6.83 26.70 -8.24
CA GLY A 243 -6.59 27.85 -9.10
C GLY A 243 -7.31 27.74 -10.43
N ALA A 244 -7.25 28.83 -11.20
CA ALA A 244 -7.88 28.86 -12.51
C ALA A 244 -7.35 27.74 -13.40
N GLU A 245 -6.03 27.51 -13.37
CA GLU A 245 -5.44 26.46 -14.18
C GLU A 245 -6.00 25.09 -13.85
N LEU A 246 -6.36 24.85 -12.57
CA LEU A 246 -6.93 23.55 -12.23
C LEU A 246 -8.40 23.47 -12.63
N LEU A 247 -9.18 24.54 -12.42
CA LEU A 247 -10.58 24.53 -12.83
C LEU A 247 -10.69 24.31 -14.32
N LYS A 248 -9.76 24.87 -15.08
CA LYS A 248 -9.70 24.69 -16.54
C LYS A 248 -9.68 23.21 -16.95
N LYS A 249 -9.32 22.30 -16.03
CA LYS A 249 -9.17 20.88 -16.33
C LYS A 249 -10.25 20.01 -15.70
N ILE A 250 -11.23 20.61 -15.03
CA ILE A 250 -12.27 19.87 -14.32
C ILE A 250 -13.46 19.68 -15.25
N SER A 251 -13.85 18.43 -15.48
CA SER A 251 -14.95 18.11 -16.39
C SER A 251 -16.32 18.21 -15.73
N SER A 252 -16.47 17.65 -14.53
CA SER A 252 -17.75 17.58 -13.84
C SER A 252 -18.33 18.97 -13.64
N GLU A 253 -19.63 19.11 -13.94
CA GLU A 253 -20.25 20.43 -13.83
C GLU A 253 -20.46 20.82 -12.37
N SER A 254 -20.88 19.88 -11.54
CA SER A 254 -21.02 20.17 -10.11
C SER A 254 -19.67 20.51 -9.51
N ALA A 255 -18.66 19.68 -9.79
CA ALA A 255 -17.34 19.85 -9.21
C ALA A 255 -16.81 21.27 -9.38
N ARG A 256 -17.04 21.86 -10.57
CA ARG A 256 -16.52 23.20 -10.83
C ARG A 256 -17.29 24.24 -10.00
N ASN A 257 -18.61 24.12 -9.96
CA ASN A 257 -19.40 25.03 -9.12
C ASN A 257 -19.03 24.85 -7.65
N TYR A 258 -18.99 23.60 -7.19
CA TYR A 258 -18.60 23.34 -5.81
C TYR A 258 -17.27 23.99 -5.48
N ILE A 259 -16.30 23.89 -6.39
CA ILE A 259 -14.99 24.49 -6.15
C ILE A 259 -15.09 26.02 -6.11
N GLN A 260 -15.76 26.61 -7.10
CA GLN A 260 -15.92 28.05 -7.13
C GLN A 260 -16.81 28.59 -6.01
N SER A 261 -17.59 27.72 -5.36
CA SER A 261 -18.58 28.13 -4.36
C SER A 261 -18.03 28.25 -2.96
N LEU A 262 -17.14 27.35 -2.53
CA LEU A 262 -16.75 27.37 -1.13
C LEU A 262 -15.67 28.42 -0.89
N THR A 263 -15.53 28.80 0.39
CA THR A 263 -14.72 29.94 0.75
C THR A 263 -13.30 29.79 0.23
N GLN A 264 -12.80 30.84 -0.43
CA GLN A 264 -11.50 30.82 -1.07
C GLN A 264 -10.41 30.90 -0.01
N MET A 265 -9.89 29.74 0.39
CA MET A 265 -8.73 29.71 1.26
C MET A 265 -7.47 30.00 0.45
N PRO A 266 -6.50 30.70 1.02
CA PRO A 266 -5.20 30.86 0.35
C PRO A 266 -4.24 29.75 0.71
N LYS A 267 -3.47 29.30 -0.27
CA LYS A 267 -2.43 28.33 0.02
C LYS A 267 -1.56 28.83 1.16
N MET A 268 -1.35 27.97 2.16
CA MET A 268 -0.52 28.34 3.29
C MET A 268 0.94 28.15 2.95
N ASN A 269 1.78 29.00 3.53
CA ASN A 269 3.23 28.79 3.44
C ASN A 269 3.60 27.61 4.33
N PHE A 270 4.05 26.51 3.71
CA PHE A 270 4.35 25.30 4.48
C PHE A 270 5.41 25.55 5.54
N ALA A 271 6.35 26.46 5.30
CA ALA A 271 7.38 26.74 6.29
C ALA A 271 6.76 27.27 7.58
N ASN A 272 5.67 28.01 7.49
CA ASN A 272 4.95 28.47 8.68
C ASN A 272 4.25 27.31 9.38
N VAL A 273 3.70 26.36 8.62
CA VAL A 273 2.96 25.27 9.23
C VAL A 273 3.88 24.26 9.89
N PHE A 274 4.92 23.83 9.18
CA PHE A 274 5.87 22.84 9.71
C PHE A 274 7.09 23.55 10.29
N ILE A 275 6.81 24.40 11.27
CA ILE A 275 7.86 25.26 11.81
C ILE A 275 8.96 24.41 12.44
N GLY A 276 10.22 24.80 12.19
CA GLY A 276 11.36 24.07 12.68
C GLY A 276 11.76 22.85 11.88
N ALA A 277 10.93 22.39 10.95
CA ALA A 277 11.31 21.21 10.18
C ALA A 277 12.48 21.53 9.26
N ASN A 278 13.21 20.50 8.87
CA ASN A 278 14.27 20.65 7.91
C ASN A 278 13.71 21.33 6.65
N PRO A 279 14.34 22.42 6.18
CA PRO A 279 13.78 23.10 5.00
C PRO A 279 13.68 22.22 3.78
N LEU A 280 14.56 21.22 3.64
CA LEU A 280 14.41 20.31 2.51
C LEU A 280 13.18 19.43 2.66
N ALA A 281 12.82 19.06 3.89
CA ALA A 281 11.58 18.31 4.09
C ALA A 281 10.36 19.18 3.75
N VAL A 282 10.36 20.43 4.19
CA VAL A 282 9.25 21.32 3.86
C VAL A 282 9.11 21.43 2.35
N ASP A 283 10.24 21.59 1.64
CA ASP A 283 10.18 21.72 0.19
C ASP A 283 9.62 20.47 -0.45
N LEU A 284 10.05 19.28 0.01
CA LEU A 284 9.47 18.08 -0.58
C LEU A 284 7.97 17.99 -0.28
N LEU A 285 7.56 18.34 0.94
CA LEU A 285 6.12 18.31 1.25
C LEU A 285 5.33 19.22 0.31
N GLU A 286 5.88 20.40 0.03
CA GLU A 286 5.23 21.32 -0.91
C GLU A 286 5.04 20.66 -2.27
N LYS A 287 5.96 19.78 -2.66
CA LYS A 287 5.89 19.17 -3.98
C LYS A 287 5.00 17.95 -4.00
N MET A 288 4.78 17.32 -2.85
CA MET A 288 3.87 16.19 -2.76
C MET A 288 2.44 16.59 -2.51
N LEU A 289 2.21 17.60 -1.68
CA LEU A 289 0.85 17.96 -1.29
C LEU A 289 0.29 19.05 -2.18
N VAL A 290 0.41 18.85 -3.47
CA VAL A 290 -0.13 19.78 -4.46
C VAL A 290 -1.54 19.32 -4.81
N LEU A 291 -2.48 20.25 -4.79
CA LEU A 291 -3.85 19.89 -5.07
C LEU A 291 -3.99 19.31 -6.48
N ASP A 292 -3.36 19.95 -7.47
CA ASP A 292 -3.41 19.50 -8.87
C ASP A 292 -2.48 18.31 -9.08
N SER A 293 -3.07 17.11 -9.29
CA SER A 293 -2.26 15.91 -9.44
C SER A 293 -1.41 15.92 -10.69
N ASP A 294 -1.75 16.72 -11.69
CA ASP A 294 -0.85 16.85 -12.84
C ASP A 294 0.49 17.45 -12.45
N LYS A 295 0.55 18.18 -11.33
CA LYS A 295 1.73 18.94 -10.95
C LYS A 295 2.44 18.27 -9.79
N ARG A 296 1.88 17.19 -9.29
CA ARG A 296 2.45 16.55 -8.12
C ARG A 296 3.71 15.80 -8.50
N ILE A 297 4.67 15.78 -7.59
CA ILE A 297 5.92 15.09 -7.89
C ILE A 297 5.65 13.58 -8.00
N THR A 298 6.39 12.91 -8.87
CA THR A 298 6.35 11.45 -8.95
C THR A 298 7.30 10.80 -7.96
N ALA A 299 7.13 9.48 -7.77
CA ALA A 299 8.04 8.75 -6.90
C ALA A 299 9.47 8.85 -7.42
N ALA A 300 9.65 8.60 -8.71
CA ALA A 300 11.01 8.65 -9.25
C ALA A 300 11.63 10.02 -9.06
N GLN A 301 10.86 11.07 -9.33
CA GLN A 301 11.37 12.42 -9.15
C GLN A 301 11.68 12.71 -7.68
N ALA A 302 10.84 12.25 -6.77
CA ALA A 302 11.06 12.53 -5.35
C ALA A 302 12.31 11.86 -4.83
N LEU A 303 12.64 10.67 -5.34
CA LEU A 303 13.88 10.02 -4.94
C LEU A 303 15.07 10.90 -5.20
N ALA A 304 14.99 11.75 -6.21
CA ALA A 304 16.08 12.63 -6.59
C ALA A 304 16.08 13.94 -5.81
N HIS A 305 15.09 14.19 -4.97
CA HIS A 305 15.04 15.42 -4.18
C HIS A 305 16.22 15.46 -3.21
N ALA A 306 16.77 16.64 -3.01
CA ALA A 306 17.92 16.81 -2.11
C ALA A 306 17.66 16.27 -0.70
N TYR A 307 16.39 16.19 -0.28
CA TYR A 307 16.07 15.69 1.05
C TYR A 307 16.67 14.30 1.27
N PHE A 308 16.81 13.50 0.20
CA PHE A 308 17.31 12.13 0.29
C PHE A 308 18.76 11.99 -0.17
N ALA A 309 19.52 13.08 -0.08
CA ALA A 309 20.86 13.10 -0.64
C ALA A 309 21.73 11.97 -0.12
N GLN A 310 21.59 11.62 1.16
CA GLN A 310 22.50 10.62 1.72
C GLN A 310 22.07 9.18 1.40
N TYR A 311 20.87 8.97 0.86
CA TYR A 311 20.35 7.65 0.54
C TYR A 311 20.16 7.40 -0.96
N HIS A 312 19.90 8.45 -1.74
CA HIS A 312 19.54 8.28 -3.14
C HIS A 312 20.68 7.60 -3.90
N ASP A 313 20.35 6.57 -4.67
CA ASP A 313 21.33 5.89 -5.52
C ASP A 313 20.64 5.53 -6.82
N PRO A 314 20.80 6.33 -7.87
CA PRO A 314 20.02 6.10 -9.10
C PRO A 314 20.30 4.75 -9.74
N ASP A 315 21.37 4.08 -9.34
CA ASP A 315 21.69 2.75 -9.83
C ASP A 315 21.12 1.64 -8.97
N ASP A 316 20.41 1.98 -7.89
CA ASP A 316 19.82 0.95 -7.03
C ASP A 316 18.40 1.34 -6.63
N GLU A 317 17.63 1.84 -7.60
CA GLU A 317 16.21 2.17 -7.41
C GLU A 317 15.49 1.58 -8.62
N PRO A 318 15.32 0.26 -8.64
CA PRO A 318 14.95 -0.44 -9.88
C PRO A 318 13.46 -0.33 -10.19
N VAL A 319 13.14 -0.64 -11.45
CA VAL A 319 11.75 -0.68 -11.90
C VAL A 319 11.32 -2.14 -11.94
N ALA A 320 10.01 -2.34 -12.07
CA ALA A 320 9.41 -3.67 -12.05
C ALA A 320 9.24 -4.20 -13.46
N ASP A 321 9.19 -5.52 -13.57
CA ASP A 321 8.75 -6.12 -14.82
C ASP A 321 7.31 -5.72 -15.10
N PRO A 322 6.91 -5.71 -16.37
CA PRO A 322 5.52 -5.36 -16.69
C PRO A 322 4.54 -6.34 -16.04
N TYR A 323 3.40 -5.80 -15.62
CA TYR A 323 2.38 -6.58 -14.94
C TYR A 323 1.11 -6.58 -15.77
N ASP A 324 0.59 -7.77 -16.07
CA ASP A 324 -0.58 -7.94 -16.92
C ASP A 324 -1.84 -7.85 -16.05
N GLN A 325 -2.47 -6.68 -16.06
CA GLN A 325 -3.69 -6.41 -15.32
C GLN A 325 -4.94 -6.63 -16.17
N SER A 326 -4.84 -7.34 -17.30
CA SER A 326 -5.98 -7.47 -18.20
C SER A 326 -7.15 -8.20 -17.54
N PHE A 327 -6.88 -9.09 -16.60
CA PHE A 327 -7.97 -9.79 -15.91
C PHE A 327 -8.92 -8.84 -15.20
N GLU A 328 -8.47 -7.63 -14.85
CA GLU A 328 -9.33 -6.72 -14.10
C GLU A 328 -10.59 -6.35 -14.88
N SER A 329 -10.49 -6.27 -16.19
CA SER A 329 -11.62 -5.93 -17.05
C SER A 329 -12.49 -7.14 -17.42
N ARG A 330 -12.21 -8.33 -16.89
CA ARG A 330 -12.97 -9.52 -17.27
C ARG A 330 -14.07 -9.82 -16.27
N ASP A 331 -15.19 -10.34 -16.77
CA ASP A 331 -16.33 -10.76 -15.95
C ASP A 331 -16.43 -12.28 -16.06
N LEU A 332 -15.97 -13.00 -15.04
CA LEU A 332 -15.95 -14.46 -15.08
C LEU A 332 -16.84 -15.05 -13.99
N LEU A 333 -17.11 -16.34 -14.16
CA LEU A 333 -17.87 -17.12 -13.19
C LEU A 333 -17.02 -17.40 -11.95
N ILE A 334 -17.71 -17.64 -10.83
CA ILE A 334 -16.99 -17.85 -9.58
C ILE A 334 -16.02 -19.01 -9.72
N ASP A 335 -16.47 -20.10 -10.35
CA ASP A 335 -15.59 -21.26 -10.50
C ASP A 335 -14.42 -20.97 -11.41
N GLU A 336 -14.56 -20.03 -12.33
CA GLU A 336 -13.45 -19.70 -13.23
C GLU A 336 -12.37 -18.90 -12.50
N TRP A 337 -12.76 -17.94 -11.66
CA TRP A 337 -11.77 -17.26 -10.85
C TRP A 337 -11.06 -18.22 -9.92
N LYS A 338 -11.78 -19.17 -9.34
CA LYS A 338 -11.17 -20.13 -8.44
C LYS A 338 -10.16 -21.00 -9.19
N SER A 339 -10.50 -21.42 -10.40
CA SER A 339 -9.57 -22.21 -11.19
C SER A 339 -8.32 -21.41 -11.58
N LEU A 340 -8.46 -20.11 -11.89
CA LEU A 340 -7.28 -19.31 -12.21
C LEU A 340 -6.40 -19.16 -10.98
N THR A 341 -7.02 -18.99 -9.81
CA THR A 341 -6.25 -18.91 -8.57
C THR A 341 -5.50 -20.22 -8.34
N TYR A 342 -6.17 -21.35 -8.55
CA TYR A 342 -5.51 -22.64 -8.37
C TYR A 342 -4.28 -22.74 -9.27
N ASP A 343 -4.42 -22.34 -10.53
CA ASP A 343 -3.28 -22.37 -11.45
C ASP A 343 -2.13 -21.54 -10.91
N GLU A 344 -2.42 -20.39 -10.31
CA GLU A 344 -1.38 -19.54 -9.75
C GLU A 344 -0.72 -20.17 -8.53
N VAL A 345 -1.46 -20.95 -7.74
CA VAL A 345 -0.85 -21.66 -6.62
C VAL A 345 0.15 -22.72 -7.14
N ILE A 346 -0.28 -23.53 -8.11
CA ILE A 346 0.55 -24.61 -8.64
C ILE A 346 1.80 -24.06 -9.32
N SER A 347 1.67 -22.94 -10.04
CA SER A 347 2.78 -22.43 -10.81
C SER A 347 3.76 -21.60 -9.98
N PHE A 348 3.47 -21.38 -8.69
CA PHE A 348 4.33 -20.55 -7.87
C PHE A 348 5.74 -21.16 -7.76
N VAL A 349 6.74 -20.31 -7.91
CA VAL A 349 8.14 -20.70 -7.76
C VAL A 349 8.74 -19.87 -6.64
N PRO A 350 9.20 -20.49 -5.55
CA PRO A 350 9.72 -19.72 -4.44
C PRO A 350 10.97 -18.98 -4.85
N PRO A 351 11.36 -17.94 -4.10
CA PRO A 351 12.61 -17.21 -4.31
C PRO A 351 13.83 -18.06 -4.03
C4 8OK B . -9.03 16.67 -12.31
C5 8OK B . -8.37 16.99 -11.14
C6 8OK B . -9.11 16.86 -9.96
N1 8OK B . -10.40 16.54 -9.97
N3 8OK B . -10.33 16.32 -12.26
CAM 8OK B . -16.84 13.69 -12.18
CAN 8OK B . -18.33 13.99 -12.12
OBF 8OK B . -18.98 13.39 -10.99
CAO 8OK B . -18.32 13.97 -9.82
CAP 8OK B . -16.84 13.66 -9.78
NAA 8OK B . -16.18 14.19 -10.98
CAS 8OK B . -14.94 14.73 -10.99
CAT 8OK B . -14.29 15.10 -9.81
CAF 8OK B . -13.01 15.63 -9.86
CAR 8OK B . -14.24 14.83 -12.19
CAQ 8OK B . -12.96 15.36 -12.23
CAU 8OK B . -12.33 15.78 -11.06
C2 8OK B . -11.02 16.24 -11.10
CAX 8OK B . -8.33 16.75 -13.52
CAY 8OK B . -6.99 17.13 -13.55
NAC 8OK B . -6.36 17.22 -14.73
CAZ 8OK B . -6.31 17.46 -12.37
CBA 8OK B . -7.01 17.37 -11.15
NAB 8OK B . -8.52 17.22 -8.83
CAW 8OK B . -9.31 17.26 -7.58
CAV 8OK B . -9.22 18.73 -7.17
CAL 8OK B . -9.92 19.05 -6.00
CAG 8OK B . -10.15 18.09 -5.02
CAH 8OK B . -10.84 18.46 -3.88
CAI 8OK B . -11.30 19.77 -3.72
CAJ 8OK B . -11.08 20.71 -4.70
CAK 8OK B . -10.38 20.34 -5.84
H14 8OK B . -6.86 17.00 -15.57
H15 8OK B . -5.41 17.49 -14.78
H18 8OK B . -7.56 17.48 -8.74
#